data_3FR3
#
_entry.id   3FR3
#
_cell.length_a   60.890
_cell.length_b   87.062
_cell.length_c   74.823
_cell.angle_alpha   90.00
_cell.angle_beta   90.00
_cell.angle_gamma   90.00
#
_symmetry.space_group_name_H-M   'P 21 21 2'
#
loop_
_entity.id
_entity.type
_entity.pdbx_description
1 polymer 'Glutathione S-transferase'
2 non-polymer 'OXIDIZED GLUTATHIONE DISULFIDE'
3 water water
#
_entity_poly.entity_id   1
_entity_poly.type   'polypeptide(L)'
_entity_poly.pdbx_seq_one_letter_code
;MGDNIVLYYFDARGKAELIRLIFAYLGIEYTDKRFGVNGDAFVEFKNFKKEKDTPFEQVPILQIGDLILAQSQAIVRYLS
KKYNICGESELNEFYADMIFCGVQDIHYKFNNTAANETTFLNEDLPKWSGYFEKLLKKNHTNNNNDKYYFVGNNLTYADL
AVFNLYDDIETKYPSSLKNFPLLKAHNEFISNLPNIKNYITNRKESVY
;
_entity_poly.pdbx_strand_id   A,B
#
loop_
_chem_comp.id
_chem_comp.type
_chem_comp.name
_chem_comp.formula
GDS non-polymer 'OXIDIZED GLUTATHIONE DISULFIDE' 'C20 H32 N6 O12 S2'
#
# COMPACT_ATOMS: atom_id res chain seq x y z
N ASN A 4 -4.50 -30.57 -12.86
CA ASN A 4 -3.13 -30.24 -13.39
C ASN A 4 -2.73 -28.72 -13.28
N ILE A 5 -3.68 -27.83 -12.99
CA ILE A 5 -3.33 -26.37 -13.05
C ILE A 5 -3.17 -25.77 -11.65
N VAL A 6 -2.04 -25.13 -11.35
CA VAL A 6 -1.94 -24.46 -10.04
C VAL A 6 -1.42 -23.05 -10.26
N LEU A 7 -2.15 -22.10 -9.69
CA LEU A 7 -1.78 -20.67 -9.70
C LEU A 7 -1.16 -20.41 -8.35
N TYR A 8 0.05 -19.87 -8.34
CA TYR A 8 0.68 -19.52 -7.09
C TYR A 8 0.83 -18.02 -6.94
N TYR A 9 0.35 -17.48 -5.82
CA TYR A 9 0.52 -16.07 -5.54
C TYR A 9 0.46 -15.90 -4.03
N PHE A 10 0.66 -14.66 -3.57
CA PHE A 10 0.45 -14.31 -2.17
C PHE A 10 -1.05 -14.26 -1.92
N ASP A 11 -1.45 -14.02 -0.66
CA ASP A 11 -2.90 -14.00 -0.34
C ASP A 11 -3.42 -12.59 -0.59
N ALA A 12 -3.65 -12.31 -1.86
CA ALA A 12 -3.96 -10.98 -2.33
C ALA A 12 -4.50 -11.13 -3.75
N ARG A 13 -5.16 -10.06 -4.19
CA ARG A 13 -5.75 -9.96 -5.50
C ARG A 13 -4.61 -9.56 -6.43
N GLY A 14 -4.27 -8.27 -6.46
CA GLY A 14 -3.02 -7.80 -7.04
C GLY A 14 -2.81 -8.37 -8.44
N LYS A 15 -1.59 -8.91 -8.65
CA LYS A 15 -1.14 -9.38 -9.94
C LYS A 15 -1.68 -10.75 -10.39
N ALA A 16 -2.45 -11.39 -9.51
CA ALA A 16 -3.11 -12.66 -9.81
C ALA A 16 -4.54 -12.52 -10.21
N GLU A 17 -5.21 -11.43 -9.83
CA GLU A 17 -6.66 -11.44 -9.86
C GLU A 17 -7.21 -11.51 -11.26
N LEU A 18 -6.61 -10.79 -12.19
CA LEU A 18 -7.08 -10.92 -13.60
C LEU A 18 -7.00 -12.40 -14.09
N ILE A 19 -5.96 -13.11 -13.69
CA ILE A 19 -5.82 -14.53 -14.12
C ILE A 19 -6.97 -15.36 -13.45
N ARG A 20 -7.23 -15.08 -12.16
CA ARG A 20 -8.38 -15.77 -11.47
C ARG A 20 -9.71 -15.42 -12.17
N LEU A 21 -9.91 -14.13 -12.55
CA LEU A 21 -11.11 -13.79 -13.36
C LEU A 21 -11.25 -14.51 -14.70
N ILE A 22 -10.14 -14.68 -15.42
CA ILE A 22 -10.12 -15.38 -16.68
C ILE A 22 -10.48 -16.86 -16.43
N PHE A 23 -9.91 -17.47 -15.40
CA PHE A 23 -10.25 -18.93 -15.18
C PHE A 23 -11.74 -19.09 -14.78
N ALA A 24 -12.22 -18.16 -13.96
CA ALA A 24 -13.64 -18.13 -13.65
C ALA A 24 -14.51 -17.97 -14.86
N TYR A 25 -14.23 -16.99 -15.73
CA TYR A 25 -14.99 -16.75 -16.96
C TYR A 25 -14.97 -17.98 -17.85
N LEU A 26 -13.81 -18.60 -17.94
CA LEU A 26 -13.63 -19.77 -18.75
C LEU A 26 -14.13 -21.08 -18.13
N GLY A 27 -14.46 -21.08 -16.87
CA GLY A 27 -14.85 -22.31 -16.16
C GLY A 27 -13.71 -23.31 -16.07
N ILE A 28 -12.48 -22.83 -15.96
CA ILE A 28 -11.35 -23.73 -15.91
C ILE A 28 -10.99 -24.08 -14.45
N GLU A 29 -10.89 -25.38 -14.13
CA GLU A 29 -10.54 -25.79 -12.78
C GLU A 29 -9.06 -25.64 -12.51
N TYR A 30 -8.73 -25.14 -11.31
CA TYR A 30 -7.33 -24.96 -10.95
C TYR A 30 -7.23 -24.85 -9.47
N THR A 31 -6.02 -25.01 -8.94
CA THR A 31 -5.79 -24.82 -7.54
C THR A 31 -5.29 -23.39 -7.32
N ASP A 32 -5.94 -22.68 -6.42
CA ASP A 32 -5.59 -21.27 -6.18
C ASP A 32 -4.73 -21.24 -4.95
N LYS A 33 -3.43 -21.41 -5.16
CA LYS A 33 -2.48 -21.50 -4.04
C LYS A 33 -1.99 -20.10 -3.59
N ARG A 34 -2.20 -19.80 -2.30
CA ARG A 34 -1.95 -18.49 -1.72
C ARG A 34 -0.98 -18.53 -0.53
N PHE A 35 0.18 -17.89 -0.70
CA PHE A 35 1.17 -17.88 0.35
C PHE A 35 0.72 -16.91 1.41
N GLY A 36 0.85 -17.33 2.67
CA GLY A 36 0.59 -16.42 3.77
C GLY A 36 -0.84 -16.44 4.26
N VAL A 37 -1.64 -17.41 3.81
CA VAL A 37 -3.04 -17.46 4.21
C VAL A 37 -3.06 -17.77 5.71
N ASN A 38 -2.14 -18.61 6.14
CA ASN A 38 -2.03 -19.04 7.54
C ASN A 38 -0.64 -18.75 8.10
N GLY A 39 0.38 -19.21 7.38
CA GLY A 39 1.74 -19.08 7.85
C GLY A 39 2.43 -17.79 7.43
N ASP A 40 3.76 -17.83 7.47
CA ASP A 40 4.54 -16.65 7.17
C ASP A 40 4.63 -16.59 5.64
N ALA A 41 4.06 -15.54 5.06
CA ALA A 41 4.08 -15.40 3.57
C ALA A 41 5.49 -15.42 2.98
N PHE A 42 6.42 -14.68 3.59
CA PHE A 42 7.77 -14.66 3.11
C PHE A 42 8.46 -15.99 3.29
N VAL A 43 8.27 -16.66 4.44
CA VAL A 43 8.85 -17.98 4.58
C VAL A 43 8.27 -18.95 3.57
N GLU A 44 6.97 -18.85 3.31
CA GLU A 44 6.34 -19.85 2.45
C GLU A 44 6.79 -19.62 1.02
N PHE A 45 6.89 -18.34 0.68
CA PHE A 45 7.39 -17.95 -0.65
C PHE A 45 8.84 -18.37 -0.84
N LYS A 46 9.69 -18.11 0.15
CA LYS A 46 11.08 -18.56 0.08
C LYS A 46 11.20 -20.09 -0.09
N ASN A 47 10.37 -20.84 0.64
CA ASN A 47 10.34 -22.28 0.52
C ASN A 47 9.83 -22.71 -0.85
N PHE A 48 8.82 -22.02 -1.36
CA PHE A 48 8.38 -22.21 -2.77
C PHE A 48 9.51 -22.03 -3.79
N LYS A 49 10.28 -20.95 -3.66
CA LYS A 49 11.31 -20.71 -4.67
C LYS A 49 12.36 -21.80 -4.63
N LYS A 50 12.58 -22.39 -3.45
CA LYS A 50 13.49 -23.57 -3.32
C LYS A 50 13.03 -24.78 -4.12
N GLU A 51 11.73 -25.09 -4.04
CA GLU A 51 11.11 -26.27 -4.69
C GLU A 51 10.72 -26.10 -6.15
N LYS A 52 10.49 -24.86 -6.60
CA LYS A 52 10.08 -24.64 -8.00
C LYS A 52 11.12 -23.78 -8.69
N ASP A 53 11.43 -24.12 -9.94
CA ASP A 53 12.38 -23.37 -10.75
C ASP A 53 11.59 -22.18 -11.37
N THR A 54 11.71 -21.00 -10.78
CA THR A 54 11.02 -19.82 -11.36
C THR A 54 12.01 -18.95 -12.18
N PRO A 55 11.53 -18.35 -13.29
CA PRO A 55 12.51 -17.62 -14.02
C PRO A 55 13.04 -16.37 -13.35
N PHE A 56 12.22 -15.69 -12.57
CA PHE A 56 12.61 -14.38 -12.01
C PHE A 56 12.38 -14.32 -10.52
N GLU A 57 12.15 -15.47 -9.87
CA GLU A 57 11.86 -15.49 -8.38
C GLU A 57 10.73 -14.56 -7.97
N GLN A 58 9.71 -14.50 -8.82
CA GLN A 58 8.50 -13.75 -8.58
C GLN A 58 7.26 -14.62 -8.81
N VAL A 59 6.18 -14.18 -8.19
CA VAL A 59 4.88 -14.69 -8.50
C VAL A 59 4.04 -13.53 -9.07
N PRO A 60 2.94 -13.82 -9.76
CA PRO A 60 2.36 -15.14 -10.00
C PRO A 60 3.18 -16.09 -10.82
N ILE A 61 3.00 -17.37 -10.48
CA ILE A 61 3.48 -18.46 -11.32
C ILE A 61 2.28 -19.33 -11.61
N LEU A 62 2.11 -19.74 -12.87
CA LEU A 62 1.09 -20.68 -13.24
C LEU A 62 1.77 -21.92 -13.76
N GLN A 63 1.49 -23.02 -13.08
CA GLN A 63 2.00 -24.31 -13.42
C GLN A 63 0.88 -25.13 -14.04
N ILE A 64 1.11 -25.60 -15.24
CA ILE A 64 0.13 -26.41 -15.96
C ILE A 64 0.92 -27.69 -16.21
N GLY A 65 0.53 -28.73 -15.48
CA GLY A 65 1.30 -29.97 -15.46
C GLY A 65 2.70 -29.71 -14.97
N ASP A 66 3.68 -29.95 -15.82
CA ASP A 66 5.06 -29.69 -15.48
C ASP A 66 5.55 -28.32 -15.99
N LEU A 67 4.76 -27.66 -16.82
CA LEU A 67 5.12 -26.37 -17.44
C LEU A 67 4.93 -25.21 -16.46
N ILE A 68 6.01 -24.49 -16.17
CA ILE A 68 6.03 -23.33 -15.26
C ILE A 68 5.98 -22.03 -16.12
N LEU A 69 4.92 -21.24 -15.94
CA LEU A 69 4.76 -19.94 -16.63
C LEU A 69 4.84 -18.80 -15.60
N ALA A 70 5.60 -17.76 -15.91
CA ALA A 70 5.72 -16.61 -15.04
C ALA A 70 5.27 -15.36 -15.81
N GLN A 71 5.13 -14.28 -15.08
CA GLN A 71 4.89 -12.93 -15.62
C GLN A 71 3.46 -12.77 -15.89
N SER A 72 2.77 -12.17 -14.94
CA SER A 72 1.31 -12.07 -15.03
C SER A 72 0.74 -11.65 -16.39
N GLN A 73 1.28 -10.62 -17.02
CA GLN A 73 0.72 -10.15 -18.32
C GLN A 73 0.89 -11.16 -19.40
N ALA A 74 2.05 -11.83 -19.41
CA ALA A 74 2.31 -12.85 -20.40
C ALA A 74 1.39 -14.06 -20.20
N ILE A 75 1.09 -14.42 -18.95
CA ILE A 75 0.13 -15.52 -18.66
C ILE A 75 -1.24 -15.12 -19.19
N VAL A 76 -1.64 -13.89 -18.88
CA VAL A 76 -2.95 -13.39 -19.36
C VAL A 76 -3.03 -13.53 -20.86
N ARG A 77 -1.98 -13.08 -21.57
CA ARG A 77 -2.06 -13.05 -23.01
C ARG A 77 -2.12 -14.45 -23.58
N TYR A 78 -1.35 -15.35 -22.98
CA TYR A 78 -1.29 -16.75 -23.42
C TYR A 78 -2.63 -17.44 -23.25
N LEU A 79 -3.20 -17.29 -22.07
CA LEU A 79 -4.49 -17.86 -21.79
C LEU A 79 -5.55 -17.25 -22.72
N SER A 80 -5.47 -15.93 -22.97
CA SER A 80 -6.52 -15.22 -23.75
C SER A 80 -6.49 -15.70 -25.21
N LYS A 81 -5.28 -15.98 -25.68
CA LYS A 81 -5.10 -16.50 -27.03
C LYS A 81 -5.61 -17.94 -27.12
N LYS A 82 -5.19 -18.79 -26.19
CA LYS A 82 -5.61 -20.21 -26.20
C LYS A 82 -7.12 -20.33 -26.10
N TYR A 83 -7.77 -19.42 -25.35
CA TYR A 83 -9.23 -19.52 -25.11
C TYR A 83 -10.12 -18.50 -25.79
N ASN A 84 -9.60 -17.93 -26.86
CA ASN A 84 -10.36 -17.04 -27.71
C ASN A 84 -11.01 -15.85 -27.04
N ILE A 85 -10.26 -15.17 -26.16
CA ILE A 85 -10.77 -13.91 -25.62
C ILE A 85 -9.74 -12.80 -25.91
N CYS A 86 -9.10 -12.86 -27.07
CA CYS A 86 -8.05 -11.88 -27.40
C CYS A 86 -8.45 -11.02 -28.63
N GLY A 87 -9.66 -11.17 -29.13
CA GLY A 87 -10.06 -10.34 -30.27
C GLY A 87 -9.96 -11.22 -31.51
N GLU A 88 -10.72 -10.89 -32.54
CA GLU A 88 -10.87 -11.81 -33.67
C GLU A 88 -10.26 -11.28 -34.96
N SER A 89 -9.48 -10.21 -34.83
CA SER A 89 -8.78 -9.68 -35.97
C SER A 89 -7.42 -9.20 -35.46
N GLU A 90 -6.45 -9.11 -36.38
CA GLU A 90 -5.12 -8.57 -36.00
C GLU A 90 -5.24 -7.17 -35.35
N LEU A 91 -6.13 -6.32 -35.88
CA LEU A 91 -6.35 -5.00 -35.25
C LEU A 91 -7.07 -5.06 -33.89
N ASN A 92 -8.08 -5.90 -33.78
CA ASN A 92 -8.73 -6.07 -32.47
C ASN A 92 -7.84 -6.68 -31.39
N GLU A 93 -6.95 -7.60 -31.78
CA GLU A 93 -5.98 -8.17 -30.86
C GLU A 93 -5.06 -7.03 -30.39
N PHE A 94 -4.61 -6.19 -31.32
CA PHE A 94 -3.78 -5.04 -30.95
C PHE A 94 -4.56 -4.16 -30.00
N TYR A 95 -5.81 -3.81 -30.36
CA TYR A 95 -6.59 -2.96 -29.46
C TYR A 95 -6.82 -3.54 -28.05
N ALA A 96 -7.08 -4.85 -27.94
CA ALA A 96 -7.23 -5.43 -26.61
C ALA A 96 -5.96 -5.26 -25.79
N ASP A 97 -4.83 -5.46 -26.46
CA ASP A 97 -3.50 -5.36 -25.82
C ASP A 97 -3.29 -3.89 -25.43
N MET A 98 -3.56 -2.97 -26.36
CA MET A 98 -3.38 -1.53 -26.04
C MET A 98 -4.20 -1.14 -24.81
N ILE A 99 -5.45 -1.60 -24.80
CA ILE A 99 -6.34 -1.24 -23.64
C ILE A 99 -5.83 -1.87 -22.32
N PHE A 100 -5.41 -3.15 -22.38
CA PHE A 100 -4.78 -3.75 -21.18
C PHE A 100 -3.56 -2.96 -20.72
N CYS A 101 -2.71 -2.53 -21.66
CA CYS A 101 -1.55 -1.76 -21.28
C CYS A 101 -1.94 -0.43 -20.62
N GLY A 102 -2.98 0.20 -21.13
CA GLY A 102 -3.47 1.44 -20.47
C GLY A 102 -4.00 1.13 -19.08
N VAL A 103 -4.69 0.00 -18.93
CA VAL A 103 -5.19 -0.37 -17.58
C VAL A 103 -3.98 -0.47 -16.60
N GLN A 104 -2.90 -1.05 -17.07
CA GLN A 104 -1.70 -1.18 -16.22
CA GLN A 104 -1.69 -1.18 -16.24
C GLN A 104 -1.17 0.17 -15.78
N ASP A 105 -1.17 1.15 -16.67
CA ASP A 105 -0.69 2.50 -16.30
C ASP A 105 -1.55 3.07 -15.18
N ILE A 106 -2.86 3.13 -15.36
CA ILE A 106 -3.69 3.71 -14.30
C ILE A 106 -3.76 2.84 -13.02
N HIS A 107 -3.74 1.51 -13.18
CA HIS A 107 -3.75 0.63 -11.98
C HIS A 107 -2.49 0.83 -11.17
N TYR A 108 -1.34 0.96 -11.85
CA TYR A 108 -0.10 1.35 -11.19
C TYR A 108 -0.23 2.65 -10.38
N LYS A 109 -0.73 3.72 -11.01
CA LYS A 109 -1.01 4.98 -10.30
C LYS A 109 -1.89 4.79 -9.07
N PHE A 110 -2.99 4.06 -9.25
CA PHE A 110 -3.88 3.74 -8.10
C PHE A 110 -3.10 3.04 -7.01
N ASN A 111 -2.31 2.04 -7.40
CA ASN A 111 -1.57 1.25 -6.44
C ASN A 111 -0.43 1.98 -5.72
N ASN A 112 0.02 3.09 -6.29
CA ASN A 112 1.21 3.78 -5.79
C ASN A 112 0.83 5.17 -5.40
N THR A 113 -0.45 5.26 -5.09
CA THR A 113 -1.07 6.17 -4.11
C THR A 113 -1.40 7.57 -4.64
N ALA A 114 -2.40 8.23 -4.05
CA ALA A 114 -3.33 7.70 -3.01
C ALA A 114 -2.79 7.70 -1.55
N ALA A 115 -1.65 8.37 -1.40
CA ALA A 115 -1.27 9.14 -0.23
C ALA A 115 -1.53 10.60 -0.73
N ASN A 116 -1.26 10.76 -2.04
CA ASN A 116 -1.50 11.91 -2.89
C ASN A 116 -2.81 11.79 -3.58
N GLU A 117 -3.83 11.60 -2.78
CA GLU A 117 -5.08 11.23 -3.31
C GLU A 117 -5.89 12.32 -3.98
N THR A 118 -5.70 13.59 -3.62
N THR A 118 -5.68 13.57 -3.62
CA THR A 118 -6.48 14.63 -4.32
CA THR A 118 -6.43 14.67 -4.25
C THR A 118 -6.07 14.75 -5.78
C THR A 118 -6.06 14.78 -5.74
N THR A 119 -4.77 14.75 -6.04
CA THR A 119 -4.32 14.73 -7.43
C THR A 119 -4.81 13.49 -8.19
N PHE A 120 -4.68 12.32 -7.56
CA PHE A 120 -5.29 11.09 -8.10
C PHE A 120 -6.80 11.23 -8.33
N LEU A 121 -7.52 11.61 -7.28
CA LEU A 121 -8.97 11.69 -7.31
C LEU A 121 -9.47 12.74 -8.28
N ASN A 122 -8.81 13.90 -8.33
CA ASN A 122 -9.28 15.02 -9.14
C ASN A 122 -8.64 15.13 -10.51
N GLU A 123 -7.49 14.53 -10.72
CA GLU A 123 -6.86 14.67 -12.02
C GLU A 123 -6.70 13.32 -12.71
N ASP A 124 -5.89 12.44 -12.16
CA ASP A 124 -5.51 11.27 -12.96
C ASP A 124 -6.69 10.30 -13.15
N LEU A 125 -7.40 10.00 -12.06
CA LEU A 125 -8.43 9.00 -12.18
C LEU A 125 -9.55 9.47 -13.14
N PRO A 126 -10.04 10.75 -13.02
CA PRO A 126 -11.07 11.19 -13.94
C PRO A 126 -10.59 11.16 -15.38
N LYS A 127 -9.34 11.53 -15.60
CA LYS A 127 -8.80 11.65 -16.92
C LYS A 127 -8.72 10.27 -17.56
N TRP A 128 -8.19 9.32 -16.80
CA TRP A 128 -8.09 7.93 -17.29
C TRP A 128 -9.44 7.29 -17.50
N SER A 129 -10.38 7.56 -16.59
CA SER A 129 -11.76 7.15 -16.76
C SER A 129 -12.38 7.67 -18.03
N GLY A 130 -12.11 8.93 -18.34
CA GLY A 130 -12.53 9.49 -19.62
C GLY A 130 -11.90 8.80 -20.79
N TYR A 131 -10.63 8.38 -20.69
CA TYR A 131 -10.05 7.63 -21.81
C TYR A 131 -10.81 6.33 -22.11
N PHE A 132 -11.13 5.61 -21.07
CA PHE A 132 -11.88 4.33 -21.25
C PHE A 132 -13.28 4.56 -21.70
N GLU A 133 -13.93 5.59 -21.16
CA GLU A 133 -15.27 5.99 -21.58
C GLU A 133 -15.29 6.24 -23.07
N LYS A 134 -14.31 6.99 -23.58
CA LYS A 134 -14.19 7.25 -25.00
C LYS A 134 -13.90 6.01 -25.86
N LEU A 135 -13.05 5.10 -25.36
CA LEU A 135 -12.82 3.82 -26.07
C LEU A 135 -14.10 3.01 -26.23
N LEU A 136 -14.88 2.98 -25.19
CA LEU A 136 -16.15 2.25 -25.21
C LEU A 136 -17.13 2.92 -26.14
N LYS A 137 -17.18 4.24 -26.11
CA LYS A 137 -18.01 4.98 -27.07
C LYS A 137 -17.64 4.63 -28.54
N LYS A 138 -16.35 4.60 -28.85
CA LYS A 138 -15.87 4.17 -30.16
C LYS A 138 -16.34 2.81 -30.62
N ASN A 139 -16.66 1.92 -29.68
CA ASN A 139 -17.07 0.55 -30.01
C ASN A 139 -18.59 0.31 -29.89
N HIS A 140 -19.39 1.26 -30.37
CA HIS A 140 -20.79 1.43 -29.92
C HIS A 140 -22.01 0.62 -30.42
N THR A 141 -22.20 0.15 -31.67
CA THR A 141 -21.25 -0.49 -32.61
C THR A 141 -20.85 -1.81 -31.97
N ASN A 142 -21.56 -2.86 -32.37
CA ASN A 142 -21.62 -4.13 -31.62
C ASN A 142 -22.38 -3.85 -30.33
N ASN A 143 -23.63 -4.32 -30.22
CA ASN A 143 -24.52 -3.81 -29.18
C ASN A 143 -25.94 -4.40 -29.13
N ASN A 144 -26.66 -3.97 -28.08
CA ASN A 144 -28.10 -3.65 -28.12
C ASN A 144 -28.88 -3.81 -26.79
N ASN A 145 -28.80 -4.94 -26.04
CA ASN A 145 -28.46 -6.33 -26.41
C ASN A 145 -27.58 -7.29 -25.56
N ASP A 146 -26.59 -6.86 -24.76
CA ASP A 146 -26.14 -5.52 -24.40
C ASP A 146 -25.13 -5.94 -23.33
N LYS A 147 -23.94 -6.48 -23.69
CA LYS A 147 -23.12 -6.08 -24.86
C LYS A 147 -22.87 -4.69 -24.30
N TYR A 148 -21.91 -4.49 -23.40
CA TYR A 148 -20.67 -3.79 -23.70
C TYR A 148 -19.36 -4.47 -23.77
N TYR A 149 -18.69 -4.27 -24.90
CA TYR A 149 -17.28 -4.67 -25.06
C TYR A 149 -16.37 -3.52 -25.50
N PHE A 150 -15.12 -3.57 -25.05
CA PHE A 150 -14.11 -2.68 -25.55
C PHE A 150 -13.74 -2.96 -26.96
N VAL A 151 -13.73 -4.24 -27.33
CA VAL A 151 -13.10 -4.62 -28.56
C VAL A 151 -14.02 -5.59 -29.28
N GLY A 152 -14.41 -5.22 -30.51
CA GLY A 152 -15.28 -6.07 -31.33
C GLY A 152 -16.64 -6.42 -30.73
N ASN A 153 -17.11 -7.61 -31.08
CA ASN A 153 -18.46 -8.03 -30.74
C ASN A 153 -18.51 -9.06 -29.61
N ASN A 154 -17.33 -9.37 -29.02
CA ASN A 154 -17.25 -10.41 -28.00
C ASN A 154 -16.33 -10.07 -26.84
N LEU A 155 -16.51 -10.74 -25.71
CA LEU A 155 -15.66 -10.43 -24.56
C LEU A 155 -14.17 -10.66 -24.89
N THR A 156 -13.31 -9.79 -24.36
CA THR A 156 -11.84 -9.97 -24.39
C THR A 156 -11.29 -9.79 -22.99
N TYR A 157 -10.04 -10.21 -22.82
CA TYR A 157 -9.42 -10.02 -21.51
C TYR A 157 -9.37 -8.52 -21.16
N ALA A 158 -9.43 -7.65 -22.17
CA ALA A 158 -9.40 -6.19 -21.91
C ALA A 158 -10.69 -5.83 -21.09
N ASP A 159 -11.82 -6.46 -21.43
CA ASP A 159 -13.06 -6.28 -20.63
C ASP A 159 -12.85 -6.68 -19.18
N LEU A 160 -12.27 -7.86 -18.99
CA LEU A 160 -11.94 -8.28 -17.60
C LEU A 160 -10.95 -7.38 -16.89
N ALA A 161 -9.94 -6.90 -17.61
CA ALA A 161 -8.94 -6.06 -16.98
C ALA A 161 -9.50 -4.75 -16.53
N VAL A 162 -10.32 -4.13 -17.38
CA VAL A 162 -10.96 -2.84 -17.05
C VAL A 162 -11.98 -3.09 -15.92
N PHE A 163 -12.74 -4.19 -16.02
CA PHE A 163 -13.61 -4.56 -14.86
C PHE A 163 -12.77 -4.61 -13.53
N ASN A 164 -11.66 -5.37 -13.52
CA ASN A 164 -10.92 -5.57 -12.32
C ASN A 164 -10.31 -4.28 -11.77
N LEU A 165 -9.88 -3.43 -12.69
CA LEU A 165 -9.33 -2.09 -12.36
C LEU A 165 -10.40 -1.29 -11.57
N TYR A 166 -11.58 -1.16 -12.14
CA TYR A 166 -12.66 -0.35 -11.49
C TYR A 166 -13.33 -1.06 -10.32
N ASP A 167 -13.34 -2.39 -10.32
CA ASP A 167 -13.75 -3.15 -9.11
C ASP A 167 -12.84 -2.80 -7.93
N ASP A 168 -11.50 -2.82 -8.15
CA ASP A 168 -10.46 -2.45 -7.12
C ASP A 168 -10.67 -0.98 -6.72
N ILE A 169 -10.82 -0.08 -7.70
CA ILE A 169 -11.00 1.36 -7.43
C ILE A 169 -12.28 1.64 -6.61
N GLU A 170 -13.38 1.01 -6.99
CA GLU A 170 -14.67 1.16 -6.29
C GLU A 170 -14.68 0.68 -4.85
N THR A 171 -13.84 -0.29 -4.50
CA THR A 171 -13.67 -0.72 -3.13
C THR A 171 -13.18 0.41 -2.25
N LYS A 172 -12.20 1.17 -2.77
CA LYS A 172 -11.68 2.37 -2.10
C LYS A 172 -12.56 3.58 -2.33
N TYR A 173 -13.00 3.83 -3.57
CA TYR A 173 -13.72 5.06 -3.94
C TYR A 173 -15.07 4.81 -4.63
N PRO A 174 -16.11 4.44 -3.86
CA PRO A 174 -17.40 3.94 -4.41
C PRO A 174 -18.08 4.74 -5.51
N SER A 175 -17.96 6.05 -5.48
CA SER A 175 -18.67 6.87 -6.46
C SER A 175 -17.90 7.13 -7.77
N SER A 176 -16.75 6.50 -7.95
CA SER A 176 -15.82 6.78 -9.10
C SER A 176 -16.39 6.67 -10.49
N LEU A 177 -17.39 5.81 -10.67
CA LEU A 177 -18.03 5.65 -11.97
C LEU A 177 -19.31 6.48 -12.19
N LYS A 178 -19.70 7.33 -11.25
CA LYS A 178 -20.92 8.18 -11.44
C LYS A 178 -20.92 9.05 -12.72
N ASN A 179 -19.77 9.63 -13.06
CA ASN A 179 -19.71 10.51 -14.25
C ASN A 179 -19.40 9.81 -15.57
N PHE A 180 -19.32 8.46 -15.55
CA PHE A 180 -18.90 7.71 -16.74
C PHE A 180 -19.88 6.57 -16.98
N PRO A 181 -21.04 6.89 -17.58
CA PRO A 181 -22.12 5.91 -17.61
C PRO A 181 -21.85 4.71 -18.52
N LEU A 182 -21.04 4.88 -19.57
CA LEU A 182 -20.72 3.73 -20.43
C LEU A 182 -19.83 2.78 -19.66
N LEU A 183 -18.86 3.37 -18.98
CA LEU A 183 -17.89 2.59 -18.20
C LEU A 183 -18.63 1.97 -17.04
N LYS A 184 -19.56 2.73 -16.45
CA LYS A 184 -20.43 2.17 -15.44
C LYS A 184 -21.25 0.94 -15.94
N ALA A 185 -21.92 1.07 -17.08
CA ALA A 185 -22.73 0.00 -17.71
C ALA A 185 -21.85 -1.23 -18.02
N HIS A 186 -20.64 -0.94 -18.51
CA HIS A 186 -19.63 -2.00 -18.76
C HIS A 186 -19.29 -2.81 -17.51
N ASN A 187 -18.94 -2.15 -16.42
CA ASN A 187 -18.61 -2.81 -15.17
CA ASN A 187 -18.62 -2.81 -15.17
C ASN A 187 -19.78 -3.68 -14.66
N GLU A 188 -20.99 -3.11 -14.71
CA GLU A 188 -22.20 -3.87 -14.34
C GLU A 188 -22.44 -5.07 -15.22
N PHE A 189 -22.30 -4.88 -16.52
CA PHE A 189 -22.43 -5.95 -17.50
C PHE A 189 -21.44 -7.09 -17.18
N ILE A 190 -20.17 -6.74 -17.00
CA ILE A 190 -19.20 -7.80 -16.65
C ILE A 190 -19.44 -8.44 -15.31
N SER A 191 -19.70 -7.66 -14.27
CA SER A 191 -19.93 -8.24 -12.96
C SER A 191 -21.13 -9.21 -12.94
N ASN A 192 -22.03 -9.07 -13.90
CA ASN A 192 -23.28 -9.84 -13.98
C ASN A 192 -23.24 -11.06 -14.88
N LEU A 193 -22.13 -11.22 -15.59
CA LEU A 193 -21.88 -12.49 -16.33
C LEU A 193 -21.93 -13.66 -15.36
N PRO A 194 -22.73 -14.69 -15.71
CA PRO A 194 -22.92 -15.81 -14.78
C PRO A 194 -21.63 -16.29 -14.10
N ASN A 195 -20.60 -16.67 -14.86
CA ASN A 195 -19.35 -17.17 -14.22
C ASN A 195 -18.63 -16.06 -13.44
N ILE A 196 -18.67 -14.82 -13.92
CA ILE A 196 -18.01 -13.74 -13.13
C ILE A 196 -18.82 -13.42 -11.84
N LYS A 197 -20.15 -13.29 -11.95
CA LYS A 197 -20.96 -12.98 -10.77
C LYS A 197 -20.77 -14.05 -9.69
N ASN A 198 -20.86 -15.30 -10.11
CA ASN A 198 -20.55 -16.45 -9.26
C ASN A 198 -19.22 -16.37 -8.52
N TYR A 199 -18.15 -16.04 -9.25
CA TYR A 199 -16.81 -15.93 -8.68
C TYR A 199 -16.72 -14.78 -7.68
N ILE A 200 -17.31 -13.65 -8.02
CA ILE A 200 -17.18 -12.49 -7.15
C ILE A 200 -17.93 -12.79 -5.85
N THR A 201 -19.09 -13.45 -5.96
CA THR A 201 -19.87 -13.90 -4.80
C THR A 201 -19.03 -14.77 -3.87
N ASN A 202 -18.43 -15.84 -4.39
CA ASN A 202 -17.51 -16.70 -3.65
C ASN A 202 -16.24 -16.06 -3.06
N ARG A 203 -15.81 -14.95 -3.66
CA ARG A 203 -14.50 -14.40 -3.32
C ARG A 203 -14.33 -13.81 -1.90
N LYS A 204 -13.22 -14.19 -1.26
CA LYS A 204 -12.58 -13.27 -0.35
C LYS A 204 -12.26 -11.92 -1.03
N ASN B 4 -5.32 24.18 24.33
CA ASN B 4 -5.95 22.86 23.97
C ASN B 4 -5.59 22.36 22.55
N ILE B 5 -5.32 21.07 22.48
CA ILE B 5 -4.50 20.54 21.42
C ILE B 5 -5.26 19.46 20.69
N VAL B 6 -5.34 19.61 19.36
CA VAL B 6 -5.99 18.65 18.47
C VAL B 6 -5.00 18.24 17.38
N LEU B 7 -4.78 16.94 17.26
CA LEU B 7 -4.02 16.33 16.16
C LEU B 7 -5.01 15.77 15.15
N TYR B 8 -4.94 16.22 13.89
CA TYR B 8 -5.84 15.82 12.82
C TYR B 8 -5.09 14.98 11.77
N TYR B 9 -5.63 13.80 11.50
CA TYR B 9 -5.03 12.90 10.50
C TYR B 9 -6.09 11.95 10.01
N PHE B 10 -5.67 11.04 9.12
CA PHE B 10 -6.54 9.96 8.70
C PHE B 10 -6.48 8.89 9.77
N ASP B 11 -7.36 7.88 9.70
CA ASP B 11 -7.34 6.81 10.71
C ASP B 11 -6.27 5.76 10.36
N ALA B 12 -5.06 6.05 10.85
CA ALA B 12 -3.83 5.35 10.49
C ALA B 12 -2.67 5.93 11.32
N ARG B 13 -1.60 5.13 11.42
CA ARG B 13 -0.43 5.49 12.15
C ARG B 13 0.37 6.44 11.26
N GLY B 14 1.02 5.88 10.24
CA GLY B 14 1.55 6.75 9.19
C GLY B 14 2.39 7.90 9.73
N LYS B 15 2.15 9.07 9.16
CA LYS B 15 2.90 10.31 9.48
C LYS B 15 2.41 11.00 10.77
N ALA B 16 1.44 10.38 11.46
CA ALA B 16 0.95 10.91 12.71
C ALA B 16 1.55 10.19 13.88
N GLU B 17 2.05 8.95 13.67
CA GLU B 17 2.36 8.07 14.80
C GLU B 17 3.47 8.57 15.71
N LEU B 18 4.51 9.15 15.12
CA LEU B 18 5.61 9.57 15.99
C LEU B 18 5.15 10.74 16.89
N ILE B 19 4.29 11.58 16.35
CA ILE B 19 3.72 12.72 17.11
C ILE B 19 2.89 12.19 18.32
N ARG B 20 2.01 11.21 18.05
CA ARG B 20 1.23 10.55 19.13
C ARG B 20 2.15 9.90 20.18
N LEU B 21 3.22 9.23 19.75
CA LEU B 21 4.28 8.71 20.64
C LEU B 21 4.98 9.78 21.54
N ILE B 22 5.40 10.89 20.93
CA ILE B 22 5.92 12.02 21.74
C ILE B 22 4.84 12.54 22.74
N PHE B 23 3.62 12.81 22.29
CA PHE B 23 2.56 13.15 23.26
C PHE B 23 2.40 12.16 24.42
N ALA B 24 2.42 10.86 24.11
CA ALA B 24 2.41 9.79 25.13
C ALA B 24 3.58 9.90 26.08
N TYR B 25 4.80 9.93 25.52
CA TYR B 25 6.00 10.03 26.30
C TYR B 25 6.00 11.21 27.29
N LEU B 26 5.58 12.37 26.80
CA LEU B 26 5.60 13.63 27.57
C LEU B 26 4.35 13.80 28.45
N GLY B 27 3.41 12.85 28.31
CA GLY B 27 2.12 12.88 28.99
C GLY B 27 1.33 14.14 28.71
N ILE B 28 1.25 14.53 27.45
CA ILE B 28 0.43 15.66 27.07
C ILE B 28 -0.93 15.18 26.58
N GLU B 29 -1.97 15.87 27.06
CA GLU B 29 -3.31 15.53 26.75
C GLU B 29 -3.72 16.29 25.53
N TYR B 30 -4.39 15.61 24.62
CA TYR B 30 -4.75 16.23 23.35
C TYR B 30 -5.88 15.44 22.71
N THR B 31 -6.58 16.03 21.75
CA THR B 31 -7.57 15.25 21.00
C THR B 31 -7.02 14.71 19.68
N ASP B 32 -7.14 13.40 19.53
CA ASP B 32 -6.63 12.61 18.41
C ASP B 32 -7.73 12.49 17.35
N LYS B 33 -7.94 13.53 16.56
CA LYS B 33 -9.02 13.50 15.57
C LYS B 33 -8.52 12.67 14.38
N ARG B 34 -9.26 11.60 14.07
CA ARG B 34 -8.94 10.72 12.94
C ARG B 34 -10.08 10.71 11.93
N PHE B 35 -9.79 11.02 10.68
CA PHE B 35 -10.84 11.09 9.67
C PHE B 35 -11.32 9.66 9.38
N GLY B 36 -12.57 9.55 8.95
CA GLY B 36 -13.18 8.27 8.67
C GLY B 36 -13.20 7.32 9.86
N VAL B 37 -13.88 7.70 10.93
CA VAL B 37 -14.24 6.71 11.95
C VAL B 37 -15.55 5.97 11.54
N ASN B 38 -16.70 6.61 11.26
CA ASN B 38 -17.18 8.00 11.58
C ASN B 38 -17.98 8.74 10.48
N GLY B 39 -17.55 8.75 9.21
CA GLY B 39 -16.46 7.96 8.63
C GLY B 39 -17.05 7.12 7.50
N ASP B 40 -16.56 7.26 6.27
CA ASP B 40 -15.29 7.93 5.92
C ASP B 40 -15.50 9.13 4.94
N ALA B 41 -14.47 9.93 4.61
CA ALA B 41 -13.07 9.93 5.13
C ALA B 41 -12.39 11.30 5.04
N PHE B 42 -12.49 12.10 3.96
CA PHE B 42 -12.82 11.77 2.56
C PHE B 42 -12.90 13.05 1.70
N VAL B 43 -13.97 13.89 1.71
CA VAL B 43 -15.21 13.97 2.56
C VAL B 43 -15.15 13.72 4.08
N GLU B 44 -15.07 14.84 4.80
CA GLU B 44 -14.53 14.98 6.15
C GLU B 44 -13.20 15.70 5.99
N PHE B 45 -12.33 15.13 5.17
CA PHE B 45 -11.06 15.72 4.87
C PHE B 45 -11.25 16.90 3.94
N LYS B 46 -12.19 16.82 3.00
CA LYS B 46 -12.50 17.96 2.12
C LYS B 46 -13.21 19.08 2.89
N ASN B 47 -14.01 18.69 3.88
CA ASN B 47 -14.66 19.61 4.82
C ASN B 47 -13.65 20.27 5.77
N PHE B 48 -12.74 19.46 6.33
CA PHE B 48 -11.60 19.93 7.11
C PHE B 48 -10.90 21.10 6.41
N LYS B 49 -10.53 20.89 5.14
CA LYS B 49 -9.73 21.86 4.38
C LYS B 49 -10.45 23.17 4.10
N LYS B 50 -11.77 23.08 3.97
CA LYS B 50 -12.68 24.25 3.84
C LYS B 50 -12.81 25.01 5.17
N GLU B 51 -12.77 24.27 6.29
CA GLU B 51 -12.92 24.85 7.63
C GLU B 51 -11.59 25.38 8.18
N LYS B 52 -10.54 24.54 8.15
CA LYS B 52 -9.21 24.83 8.70
C LYS B 52 -8.24 25.35 7.63
N ASP B 53 -7.55 26.46 7.92
CA ASP B 53 -6.59 27.08 7.00
C ASP B 53 -5.23 26.37 7.07
N THR B 54 -5.14 25.24 6.37
CA THR B 54 -3.89 24.48 6.26
C THR B 54 -2.99 25.08 5.18
N PRO B 55 -1.65 25.00 5.37
CA PRO B 55 -0.79 25.64 4.38
C PRO B 55 -0.58 24.83 3.09
N PHE B 56 -0.75 23.51 3.14
CA PHE B 56 -0.43 22.66 1.98
C PHE B 56 -1.57 21.71 1.66
N GLU B 57 -2.72 21.95 2.29
CA GLU B 57 -3.87 21.06 2.13
C GLU B 57 -3.51 19.59 2.39
N GLN B 58 -2.64 19.38 3.40
CA GLN B 58 -2.20 18.06 3.88
C GLN B 58 -2.42 17.88 5.38
N VAL B 59 -2.42 16.63 5.83
CA VAL B 59 -2.35 16.25 7.24
C VAL B 59 -1.13 15.37 7.39
N PRO B 60 -0.57 15.22 8.63
CA PRO B 60 -1.09 15.77 9.92
C PRO B 60 -1.19 17.28 10.03
N ILE B 61 -2.24 17.73 10.74
CA ILE B 61 -2.31 19.08 11.26
C ILE B 61 -2.33 18.96 12.81
N LEU B 62 -1.50 19.76 13.49
CA LEU B 62 -1.55 19.91 14.96
C LEU B 62 -2.05 21.35 15.23
N GLN B 63 -3.24 21.46 15.82
CA GLN B 63 -3.75 22.75 16.27
C GLN B 63 -3.55 22.92 17.78
N ILE B 64 -2.97 24.05 18.16
CA ILE B 64 -2.78 24.41 19.55
C ILE B 64 -3.48 25.77 19.69
N GLY B 65 -4.62 25.78 20.39
CA GLY B 65 -5.45 26.96 20.49
C GLY B 65 -5.94 27.33 19.11
N ASP B 66 -5.51 28.50 18.62
CA ASP B 66 -5.85 28.91 17.28
C ASP B 66 -4.73 28.51 16.31
N LEU B 67 -3.57 28.14 16.82
CA LEU B 67 -2.36 28.05 15.96
C LEU B 67 -2.36 26.74 15.16
N ILE B 68 -2.21 26.84 13.84
CA ILE B 68 -2.19 25.66 12.95
C ILE B 68 -0.73 25.32 12.63
N LEU B 69 -0.34 24.10 12.93
CA LEU B 69 0.99 23.58 12.57
C LEU B 69 0.83 22.43 11.54
N ALA B 70 1.51 22.57 10.40
CA ALA B 70 1.61 21.47 9.42
C ALA B 70 3.05 20.88 9.27
N GLN B 71 3.13 19.78 8.52
CA GLN B 71 4.39 19.08 8.24
C GLN B 71 4.87 18.28 9.42
N SER B 72 4.59 16.98 9.37
CA SER B 72 4.91 16.08 10.44
C SER B 72 6.31 16.25 11.01
N GLN B 73 7.34 16.34 10.17
CA GLN B 73 8.71 16.38 10.73
C GLN B 73 8.95 17.74 11.44
N ALA B 74 8.39 18.82 10.89
CA ALA B 74 8.48 20.19 11.50
C ALA B 74 7.72 20.16 12.84
N ILE B 75 6.60 19.45 12.86
CA ILE B 75 5.81 19.35 14.10
C ILE B 75 6.59 18.60 15.16
N VAL B 76 7.17 17.46 14.76
CA VAL B 76 8.05 16.68 15.62
C VAL B 76 9.25 17.49 16.18
N ARG B 77 10.01 18.14 15.30
CA ARG B 77 11.09 19.01 15.77
C ARG B 77 10.64 20.10 16.77
N TYR B 78 9.55 20.75 16.45
CA TYR B 78 9.05 21.84 17.33
C TYR B 78 8.66 21.36 18.76
N LEU B 79 7.90 20.26 18.82
CA LEU B 79 7.58 19.58 20.08
C LEU B 79 8.83 19.12 20.82
N SER B 80 9.80 18.54 20.08
CA SER B 80 10.98 18.02 20.72
C SER B 80 11.84 19.13 21.35
N LYS B 81 11.87 20.28 20.69
CA LYS B 81 12.70 21.39 21.18
C LYS B 81 12.03 21.99 22.43
N LYS B 82 10.72 22.24 22.35
CA LYS B 82 9.97 22.76 23.49
C LYS B 82 10.03 21.84 24.75
N TYR B 83 9.99 20.52 24.54
CA TYR B 83 9.92 19.58 25.67
C TYR B 83 11.18 18.83 25.94
N ASN B 84 12.29 19.35 25.46
CA ASN B 84 13.59 18.88 25.84
C ASN B 84 13.86 17.41 25.52
N ILE B 85 13.50 16.99 24.30
CA ILE B 85 13.84 15.61 23.87
C ILE B 85 14.57 15.74 22.53
N CYS B 86 15.38 16.80 22.42
CA CYS B 86 16.12 17.05 21.20
C CYS B 86 17.63 17.10 21.39
N GLY B 87 18.15 16.73 22.55
CA GLY B 87 19.59 16.74 22.75
C GLY B 87 19.94 17.99 23.51
N GLU B 88 21.03 17.92 24.28
CA GLU B 88 21.37 19.01 25.21
C GLU B 88 22.70 19.63 24.82
N SER B 89 23.11 19.41 23.56
CA SER B 89 24.25 20.10 22.95
C SER B 89 23.91 20.39 21.49
N GLU B 90 24.61 21.34 20.90
CA GLU B 90 24.50 21.60 19.47
C GLU B 90 24.79 20.33 18.63
N LEU B 91 25.88 19.64 18.97
CA LEU B 91 26.26 18.41 18.26
C LEU B 91 25.20 17.30 18.47
N ASN B 92 24.70 17.15 19.68
CA ASN B 92 23.65 16.13 19.93
C ASN B 92 22.31 16.46 19.28
N GLU B 93 21.96 17.73 19.22
CA GLU B 93 20.80 18.15 18.47
C GLU B 93 20.95 17.81 16.98
N PHE B 94 22.13 18.04 16.43
CA PHE B 94 22.40 17.59 15.05
C PHE B 94 22.32 16.06 14.92
N TYR B 95 22.97 15.32 15.84
CA TYR B 95 22.95 13.83 15.71
C TYR B 95 21.51 13.29 15.83
N ALA B 96 20.70 13.85 16.73
CA ALA B 96 19.30 13.46 16.84
C ALA B 96 18.62 13.61 15.49
N ASP B 97 18.89 14.74 14.85
CA ASP B 97 18.27 15.17 13.60
C ASP B 97 18.74 14.22 12.50
N MET B 98 20.05 14.13 12.37
CA MET B 98 20.68 13.21 11.41
C MET B 98 20.06 11.79 11.52
N ILE B 99 19.87 11.31 12.75
CA ILE B 99 19.36 9.95 12.96
C ILE B 99 17.91 9.85 12.49
N PHE B 100 17.08 10.82 12.83
CA PHE B 100 15.72 10.87 12.33
C PHE B 100 15.65 10.96 10.79
N CYS B 101 16.61 11.66 10.19
CA CYS B 101 16.64 11.76 8.75
C CYS B 101 16.96 10.40 8.15
N GLY B 102 17.88 9.65 8.79
CA GLY B 102 18.18 8.23 8.45
C GLY B 102 16.95 7.32 8.59
N VAL B 103 16.27 7.41 9.73
CA VAL B 103 14.97 6.76 9.83
C VAL B 103 14.00 6.99 8.64
N GLN B 104 13.85 8.23 8.18
CA GLN B 104 12.89 8.52 7.10
C GLN B 104 13.34 7.76 5.87
N ASP B 105 14.65 7.61 5.73
CA ASP B 105 15.22 6.83 4.60
C ASP B 105 14.78 5.37 4.58
N ILE B 106 15.11 4.55 5.57
CA ILE B 106 14.58 3.19 5.44
C ILE B 106 13.10 3.09 5.67
N HIS B 107 12.51 4.00 6.44
CA HIS B 107 11.05 3.91 6.63
C HIS B 107 10.33 4.04 5.31
N TYR B 108 10.82 4.96 4.48
CA TYR B 108 10.28 5.11 3.15
C TYR B 108 10.42 3.81 2.33
N LYS B 109 11.60 3.19 2.36
CA LYS B 109 11.86 1.95 1.63
C LYS B 109 10.93 0.84 2.12
N PHE B 110 10.70 0.78 3.44
CA PHE B 110 9.81 -0.20 4.03
C PHE B 110 8.39 0.01 3.55
N ASN B 111 7.97 1.27 3.47
CA ASN B 111 6.62 1.66 3.06
C ASN B 111 6.35 1.51 1.57
N ASN B 112 7.41 1.36 0.78
CA ASN B 112 7.31 1.31 -0.68
C ASN B 112 8.01 0.08 -1.28
N THR B 113 8.18 -0.95 -0.48
CA THR B 113 9.01 -2.07 -0.89
C THR B 113 8.16 -3.30 -1.24
N ALA B 114 6.90 -3.04 -1.57
CA ALA B 114 5.86 -4.06 -1.55
C ALA B 114 6.07 -5.25 -2.48
N ALA B 115 5.80 -6.43 -1.93
CA ALA B 115 5.63 -6.64 -0.47
C ALA B 115 6.16 -8.03 -0.28
N ASN B 116 6.73 -8.23 0.92
CA ASN B 116 7.89 -9.10 1.11
C ASN B 116 8.87 -9.17 -0.06
N GLU B 117 9.35 -8.00 -0.47
CA GLU B 117 10.43 -7.87 -1.44
CA GLU B 117 10.40 -7.96 -1.47
C GLU B 117 11.68 -8.43 -0.82
N THR B 118 12.33 -9.33 -1.56
CA THR B 118 13.49 -10.03 -1.12
C THR B 118 14.67 -9.08 -0.98
N THR B 119 14.77 -8.11 -1.90
CA THR B 119 15.87 -7.16 -1.91
C THR B 119 15.78 -6.30 -0.65
N PHE B 120 14.58 -5.84 -0.32
CA PHE B 120 14.37 -5.19 0.96
C PHE B 120 14.85 -6.03 2.14
N LEU B 121 14.37 -7.29 2.22
CA LEU B 121 14.78 -8.16 3.33
C LEU B 121 16.24 -8.59 3.30
N ASN B 122 16.86 -8.80 2.14
CA ASN B 122 18.26 -9.30 2.10
C ASN B 122 19.34 -8.21 1.91
N GLU B 123 18.93 -7.02 1.51
CA GLU B 123 19.89 -5.97 1.19
C GLU B 123 19.64 -4.68 2.01
N ASP B 124 18.54 -3.98 1.75
CA ASP B 124 18.27 -2.70 2.43
C ASP B 124 18.15 -2.83 3.96
N LEU B 125 17.28 -3.73 4.41
CA LEU B 125 16.92 -3.79 5.84
C LEU B 125 18.08 -4.18 6.74
N PRO B 126 18.76 -5.31 6.46
CA PRO B 126 20.03 -5.63 7.14
C PRO B 126 21.08 -4.50 7.16
N LYS B 127 21.20 -3.77 6.06
CA LYS B 127 22.21 -2.72 5.88
C LYS B 127 21.88 -1.52 6.79
N TRP B 128 20.65 -1.05 6.71
CA TRP B 128 20.22 0.07 7.57
C TRP B 128 20.18 -0.28 9.03
N SER B 129 19.81 -1.52 9.35
CA SER B 129 19.87 -2.01 10.70
C SER B 129 21.27 -1.99 11.25
N GLY B 130 22.25 -2.36 10.41
CA GLY B 130 23.66 -2.24 10.73
C GLY B 130 24.08 -0.80 11.04
N TYR B 131 23.63 0.14 10.22
CA TYR B 131 23.85 1.57 10.49
C TYR B 131 23.42 2.00 11.90
N PHE B 132 22.18 1.68 12.29
CA PHE B 132 21.65 2.09 13.59
C PHE B 132 22.29 1.31 14.75
N GLU B 133 22.58 0.03 14.54
CA GLU B 133 23.36 -0.76 15.50
C GLU B 133 24.70 -0.08 15.80
N LYS B 134 25.36 0.36 14.73
CA LYS B 134 26.67 1.01 14.77
C LYS B 134 26.55 2.35 15.49
N LEU B 135 25.48 3.10 15.21
CA LEU B 135 25.21 4.36 15.90
C LEU B 135 24.94 4.14 17.38
N LEU B 136 24.15 3.13 17.71
CA LEU B 136 23.91 2.79 19.11
C LEU B 136 25.19 2.37 19.81
N LYS B 137 25.96 1.49 19.16
CA LYS B 137 27.22 1.04 19.72
C LYS B 137 28.14 2.22 20.06
N LYS B 138 28.18 3.20 19.17
CA LYS B 138 29.02 4.39 19.30
C LYS B 138 28.66 5.22 20.55
N ASN B 139 27.39 5.19 20.94
CA ASN B 139 26.93 5.97 22.07
C ASN B 139 26.84 5.15 23.37
N HIS B 140 27.39 3.93 23.34
CA HIS B 140 27.42 2.98 24.48
C HIS B 140 26.33 1.95 24.34
N THR B 141 26.59 0.76 24.86
CA THR B 141 25.51 -0.13 25.26
C THR B 141 24.86 0.57 26.47
N ASN B 142 24.01 1.56 26.18
CA ASN B 142 23.22 2.27 27.18
C ASN B 142 23.97 3.19 28.16
N ASN B 143 23.67 4.49 28.10
CA ASN B 143 24.27 5.47 29.02
C ASN B 143 23.36 6.66 29.37
N LYS B 147 20.79 -1.33 30.72
C LYS B 147 19.73 2.25 27.99
N TYR B 148 19.04 2.71 26.95
CA TYR B 148 19.57 2.67 25.60
C TYR B 148 19.22 3.93 24.86
N TYR B 149 20.22 4.77 24.58
CA TYR B 149 19.96 6.05 23.87
C TYR B 149 20.84 6.24 22.64
N PHE B 150 20.25 6.69 21.55
CA PHE B 150 21.03 7.06 20.36
C PHE B 150 21.91 8.30 20.61
N VAL B 151 21.39 9.25 21.37
CA VAL B 151 22.04 10.57 21.52
C VAL B 151 22.16 10.95 23.00
N GLY B 152 23.40 11.27 23.40
CA GLY B 152 23.73 11.63 24.77
C GLY B 152 23.33 10.59 25.78
N ASN B 153 22.65 11.05 26.84
CA ASN B 153 22.28 10.18 27.94
C ASN B 153 20.86 10.41 28.44
N ASN B 154 20.00 10.96 27.56
CA ASN B 154 18.56 11.02 27.82
C ASN B 154 17.81 10.73 26.54
N LEU B 155 16.51 10.53 26.66
CA LEU B 155 15.67 10.22 25.50
C LEU B 155 15.63 11.43 24.55
N THR B 156 15.78 11.15 23.26
CA THR B 156 15.48 12.09 22.17
C THR B 156 14.34 11.57 21.30
N TYR B 157 13.73 12.47 20.55
CA TYR B 157 12.76 12.03 19.55
C TYR B 157 13.42 11.03 18.59
N ALA B 158 14.75 11.02 18.46
CA ALA B 158 15.42 9.98 17.63
C ALA B 158 15.21 8.50 18.15
N ASP B 159 15.20 8.35 19.49
CA ASP B 159 14.85 7.06 20.09
C ASP B 159 13.44 6.65 19.73
N LEU B 160 12.49 7.58 19.73
CA LEU B 160 11.09 7.26 19.54
C LEU B 160 10.84 7.02 18.04
N ALA B 161 11.65 7.68 17.19
CA ALA B 161 11.64 7.46 15.74
C ALA B 161 12.14 6.07 15.36
N VAL B 162 13.29 5.66 15.90
CA VAL B 162 13.80 4.31 15.65
C VAL B 162 12.83 3.30 16.25
N PHE B 163 12.33 3.55 17.45
CA PHE B 163 11.29 2.64 18.00
C PHE B 163 10.09 2.47 17.05
N ASN B 164 9.48 3.59 16.60
CA ASN B 164 8.40 3.56 15.62
C ASN B 164 8.70 2.77 14.34
N LEU B 165 9.84 3.08 13.72
CA LEU B 165 10.34 2.32 12.56
C LEU B 165 10.29 0.80 12.74
N TYR B 166 11.07 0.29 13.69
CA TYR B 166 11.19 -1.15 13.92
C TYR B 166 9.94 -1.79 14.48
N ASP B 167 9.14 -1.01 15.21
CA ASP B 167 7.81 -1.43 15.61
C ASP B 167 6.93 -1.69 14.35
N ASP B 168 6.89 -0.69 13.45
CA ASP B 168 6.18 -0.80 12.16
C ASP B 168 6.67 -2.03 11.40
N ILE B 169 7.98 -2.18 11.33
CA ILE B 169 8.61 -3.29 10.59
C ILE B 169 8.18 -4.61 11.21
N GLU B 170 8.61 -4.86 12.45
CA GLU B 170 8.20 -6.01 13.27
C GLU B 170 6.78 -6.55 13.05
N THR B 171 5.78 -5.68 12.86
CA THR B 171 4.42 -6.16 12.62
C THR B 171 4.34 -6.94 11.31
N LYS B 172 5.23 -6.63 10.38
CA LYS B 172 5.22 -7.30 9.09
C LYS B 172 6.31 -8.37 9.06
N TYR B 173 7.48 -8.03 9.59
CA TYR B 173 8.58 -8.98 9.64
C TYR B 173 8.99 -9.24 11.07
N PRO B 174 8.35 -10.26 11.70
CA PRO B 174 8.79 -10.64 13.02
C PRO B 174 10.26 -11.06 12.97
N SER B 175 10.97 -10.80 14.06
CA SER B 175 12.36 -11.21 14.26
C SER B 175 13.35 -10.41 13.44
N SER B 176 12.93 -9.24 12.92
CA SER B 176 13.82 -8.29 12.22
C SER B 176 15.03 -7.82 13.06
N LEU B 177 14.86 -7.72 14.38
CA LEU B 177 15.95 -7.26 15.28
C LEU B 177 16.87 -8.39 15.79
N LYS B 178 16.62 -9.63 15.35
CA LYS B 178 17.42 -10.77 15.81
C LYS B 178 18.94 -10.56 15.82
N ASN B 179 19.54 -10.19 14.69
CA ASN B 179 21.00 -10.08 14.60
C ASN B 179 21.57 -8.72 15.04
N PHE B 180 20.78 -7.97 15.81
CA PHE B 180 21.16 -6.59 16.15
C PHE B 180 20.86 -6.43 17.63
N PRO B 181 21.80 -6.86 18.49
CA PRO B 181 21.58 -6.92 19.93
C PRO B 181 21.32 -5.57 20.62
N LEU B 182 22.10 -4.53 20.30
CA LEU B 182 21.84 -3.21 20.92
C LEU B 182 20.52 -2.66 20.44
N LEU B 183 20.21 -2.87 19.16
CA LEU B 183 18.99 -2.39 18.55
C LEU B 183 17.75 -3.06 19.11
N LYS B 184 17.81 -4.37 19.36
CA LYS B 184 16.66 -5.07 19.95
C LYS B 184 16.42 -4.63 21.42
N ALA B 185 17.53 -4.51 22.14
CA ALA B 185 17.55 -4.07 23.54
C ALA B 185 17.05 -2.64 23.64
N HIS B 186 17.44 -1.77 22.70
CA HIS B 186 16.91 -0.41 22.61
C HIS B 186 15.41 -0.47 22.38
N ASN B 187 14.98 -1.31 21.43
CA ASN B 187 13.56 -1.43 21.14
C ASN B 187 12.74 -1.84 22.37
N GLU B 188 13.32 -2.73 23.16
CA GLU B 188 12.69 -3.24 24.39
C GLU B 188 12.67 -2.17 25.48
N PHE B 189 13.82 -1.54 25.68
CA PHE B 189 13.93 -0.41 26.60
C PHE B 189 12.79 0.59 26.33
N ILE B 190 12.68 1.07 25.09
CA ILE B 190 11.69 2.08 24.78
C ILE B 190 10.27 1.58 24.97
N SER B 191 10.00 0.35 24.54
CA SER B 191 8.60 -0.16 24.57
C SER B 191 8.06 -0.29 26.00
N ASN B 192 8.98 -0.40 26.96
CA ASN B 192 8.64 -0.57 28.37
C ASN B 192 8.62 0.69 29.22
N LEU B 193 9.10 1.82 28.70
CA LEU B 193 8.97 3.08 29.46
C LEU B 193 7.47 3.19 29.72
N PRO B 194 7.05 3.43 30.99
CA PRO B 194 5.63 3.33 31.34
C PRO B 194 4.66 4.07 30.45
N ASN B 195 4.97 5.31 30.11
CA ASN B 195 4.08 6.06 29.24
C ASN B 195 3.91 5.42 27.85
N ILE B 196 4.99 4.89 27.28
N ILE B 196 5.02 4.91 27.31
CA ILE B 196 4.88 4.28 25.95
CA ILE B 196 5.05 4.25 25.99
C ILE B 196 4.26 2.87 26.03
C ILE B 196 4.28 2.92 26.06
N LYS B 197 4.70 2.07 27.01
CA LYS B 197 4.04 0.78 27.34
C LYS B 197 2.52 0.89 27.40
N ASN B 198 2.05 1.90 28.13
CA ASN B 198 0.62 2.17 28.22
C ASN B 198 -0.03 2.58 26.89
N TYR B 199 0.66 3.45 26.12
CA TYR B 199 0.11 3.97 24.86
C TYR B 199 -0.16 2.85 23.89
N ILE B 200 0.76 1.90 23.92
CA ILE B 200 0.85 0.76 22.98
C ILE B 200 -0.25 -0.27 23.30
N THR B 201 -0.44 -0.60 24.58
CA THR B 201 -1.50 -1.54 24.98
C THR B 201 -2.85 -1.01 24.57
N ASN B 202 -3.05 0.30 24.76
CA ASN B 202 -4.33 0.92 24.42
C ASN B 202 -4.54 1.27 22.95
N ARG B 203 -3.46 1.27 22.17
CA ARG B 203 -3.55 1.55 20.75
C ARG B 203 -4.24 0.36 20.07
N LYS B 204 -5.07 0.63 19.06
CA LYS B 204 -5.83 -0.42 18.34
C LYS B 204 -5.02 -1.27 17.37
N1 GDS C . 6.06 -8.11 -13.58
CA1 GDS C . 5.78 -9.25 -12.73
C1 GDS C . 4.38 -9.81 -12.97
OE1 GDS C . 3.44 -9.08 -13.31
OE2 GDS C . 4.14 -11.04 -12.80
CB1 GDS C . 5.97 -8.74 -11.30
CG1 GDS C . 5.55 -9.79 -10.28
CD1 GDS C . 5.81 -9.26 -8.87
O1 GDS C . 6.12 -8.11 -8.67
N2 GDS C . 5.64 -10.15 -7.87
CA2 GDS C . 5.91 -9.82 -6.50
C2 GDS C . 7.01 -10.75 -6.12
O2 GDS C . 6.95 -11.92 -6.38
CB2 GDS C . 4.76 -10.10 -5.55
SG2 GDS C . 3.27 -9.28 -5.96
N3 GDS C . 8.00 -10.21 -5.47
CA3 GDS C . 8.90 -11.04 -4.66
C3 GDS C . 10.21 -10.39 -4.52
OE3 GDS C . 11.10 -10.92 -3.82
OE4 GDS C . 10.35 -9.30 -5.11
N4 GDS C . 0.30 -8.97 -0.78
CA4 GDS C . -0.10 -9.85 0.32
C4 GDS C . 0.02 -9.28 1.71
OE5 GDS C . -0.43 -9.95 2.65
OE6 GDS C . 0.59 -8.17 1.86
C5 GDS C . 1.45 -9.18 -1.45
O5 GDS C . 2.33 -9.92 -1.03
CA5 GDS C . 1.66 -8.47 -2.78
N5 GDS C . 0.80 -7.30 -3.04
CB5 GDS C . 3.19 -8.23 -2.95
SG5 GDS C . 3.65 -7.79 -4.63
CA6 GDS C . -3.99 -6.68 -3.89
C6 GDS C . -5.10 -6.68 -2.87
OE7 GDS C . -5.70 -5.57 -2.69
OE8 GDS C . -5.46 -7.75 -2.25
N6 GDS C . -4.60 -5.85 -4.92
CB6 GDS C . -2.62 -6.23 -3.29
CG6 GDS C . -1.24 -6.17 -4.02
CD6 GDS C . -0.28 -7.35 -3.87
O6 GDS C . -0.52 -8.34 -4.54
N1 GDS D . 5.09 16.17 4.04
CA1 GDS D . 3.80 15.97 4.70
C1 GDS D . 3.95 15.60 6.16
OE1 GDS D . 3.14 16.01 7.04
OE2 GDS D . 4.90 14.87 6.46
CB1 GDS D . 3.13 14.81 3.97
CG1 GDS D . 1.72 14.66 4.53
CD1 GDS D . 0.87 13.77 3.66
O1 GDS D . 1.34 13.16 2.71
N2 GDS D . -0.40 13.71 4.02
CA2 GDS D . -1.43 13.00 3.26
C2 GDS D . -2.34 14.04 2.75
O2 GDS D . -2.72 14.96 3.47
CB2 GDS D . -2.28 12.03 4.10
SG2 GDS D . -1.36 10.80 4.92
N3 GDS D . -2.69 13.87 1.49
CA3 GDS D . -2.77 14.98 0.58
C3 GDS D . -3.94 14.84 -0.32
OE3 GDS D . -4.69 13.85 -0.15
OE4 GDS D . -4.12 15.71 -1.19
N4 GDS D . -4.63 6.16 5.41
CA4 GDS D . -5.92 5.57 5.73
C4 GDS D . -6.59 5.01 4.49
OE5 GDS D . -7.77 5.37 4.29
OE6 GDS D . -5.94 4.23 3.73
C5 GDS D . -4.44 7.35 4.87
O5 GDS D . -5.37 8.09 4.56
CA5 GDS D . -2.97 7.75 4.66
N5 GDS D . -2.03 6.64 4.94
CB5 GDS D . -2.68 8.37 3.28
SG5 GDS D . -1.29 9.50 3.33
CA6 GDS D . 0.58 3.85 7.61
C6 GDS D . -0.05 2.74 8.46
OE7 GDS D . -1.29 2.73 8.67
OE8 GDS D . 0.66 1.85 9.00
N6 GDS D . 1.93 3.53 7.10
CB6 GDS D . -0.35 4.29 6.48
CG6 GDS D . 0.00 5.63 5.84
CD6 GDS D . -1.14 6.60 5.97
O6 GDS D . -1.18 7.28 6.98
#